data_8IBK
#
_entry.id   8IBK
#
_cell.length_a   56.965
_cell.length_b   88.991
_cell.length_c   128.373
_cell.angle_alpha   90.00
_cell.angle_beta   90.00
_cell.angle_gamma   90.00
#
_symmetry.space_group_name_H-M   'P 21 21 21'
#
loop_
_entity.id
_entity.type
_entity.pdbx_description
1 polymer Alpha-glucosidase
2 branched alpha-D-glucopyranose-(1-4)-alpha-D-glucopyranose-(1-4)-alpha-D-glucopyranose
3 non-polymer 'CALCIUM ION'
4 water water
#
_entity_poly.entity_id   1
_entity_poly.type   'polypeptide(L)'
_entity_poly.pdbx_seq_one_letter_code
;MEKKWWKEAVAYQIYPRSFMDSNGDGIGDIQGVISKLDYLSDLGIDVIWICPIYQSPNDDNGYDISDYKDIMKDFGTMED
FDELLDEVHHRGMKLIMDLVINHTSDEHPWFLESRSAKENPYRDYYIWHEGKDGKEPNNWESIFSGSAWEFDEKTKEYYM
HVFSKKQPDLNWENEKVRHELYEMVNWWLDKGIDGFRVDAISHIKKVAGFPDLPNPEKLDYVPSFEGHMNRPGIQEHLKE
LKEKTFAKYDIMTVGQAGGVTSDSADEWVAEDGGNFNMIFQFEHMGLWDKGEEKPLDLIELKTILTNWQNGLEKINGWNA
LYLENHDQIRSVNKFGSTAYRVESAKCLAALYFLMKGTPFIYQGQELGMTNVKFDSIDDYDDVGMINYYRIQREKGDSHD
EIMKVIWETGRDNSRTPMQWNTEKNAGFSTGNPWMKVNPNYVDINVEEQKSDKNSVLNFYKQLIKIRKQHDVLVYGTYKL
LAEEDSAIYAYTRTLEGKTAVVICNMSPNNQTFEFPSESSFTNIEVLIHNYPLDKNETLEQCTLHPYETRVYLLSLEHHH
HHH
;
_entity_poly.pdbx_strand_id   A
#
loop_
_chem_comp.id
_chem_comp.type
_chem_comp.name
_chem_comp.formula
CA non-polymer 'CALCIUM ION' 'Ca 2'
GLC D-saccharide, alpha linking alpha-D-glucopyranose 'C6 H12 O6'
#
# COMPACT_ATOMS: atom_id res chain seq x y z
N LYS A 3 24.48 -0.27 -1.94
CA LYS A 3 24.83 -1.47 -1.20
C LYS A 3 23.81 -2.59 -1.38
N LYS A 4 22.58 -2.28 -1.82
CA LYS A 4 21.62 -3.34 -2.14
C LYS A 4 20.75 -2.91 -3.31
N TRP A 5 20.44 -3.86 -4.20
CA TRP A 5 19.61 -3.54 -5.36
C TRP A 5 18.22 -3.06 -4.95
N TRP A 6 17.67 -3.63 -3.87
CA TRP A 6 16.32 -3.24 -3.46
C TRP A 6 16.29 -1.89 -2.76
N LYS A 7 17.45 -1.40 -2.30
CA LYS A 7 17.54 -0.04 -1.78
C LYS A 7 17.51 0.97 -2.92
N GLU A 8 18.13 0.62 -4.05
CA GLU A 8 18.23 1.49 -5.21
C GLU A 8 16.98 1.44 -6.08
N ALA A 9 16.12 0.45 -5.89
CA ALA A 9 14.98 0.26 -6.77
C ALA A 9 13.91 1.33 -6.56
N VAL A 10 13.15 1.58 -7.63
CA VAL A 10 11.85 2.24 -7.56
C VAL A 10 10.79 1.19 -7.88
N ALA A 11 9.78 1.07 -7.01
CA ALA A 11 8.75 0.06 -7.17
C ALA A 11 7.46 0.69 -7.68
N TYR A 12 6.71 -0.09 -8.45
CA TYR A 12 5.38 0.27 -8.93
C TYR A 12 4.40 -0.79 -8.47
N GLN A 13 3.27 -0.36 -7.92
CA GLN A 13 2.26 -1.29 -7.41
C GLN A 13 1.08 -1.35 -8.39
N ILE A 14 0.78 -2.55 -8.88
CA ILE A 14 -0.31 -2.81 -9.79
C ILE A 14 -1.46 -3.42 -9.01
N TYR A 15 -2.66 -2.89 -9.20
CA TYR A 15 -3.90 -3.50 -8.73
C TYR A 15 -4.53 -4.14 -9.96
N PRO A 16 -4.29 -5.43 -10.20
CA PRO A 16 -4.54 -5.98 -11.54
C PRO A 16 -5.99 -5.93 -11.97
N ARG A 17 -6.95 -5.97 -11.03
CA ARG A 17 -8.35 -5.91 -11.42
C ARG A 17 -8.68 -4.61 -12.14
N SER A 18 -7.89 -3.56 -11.93
CA SER A 18 -8.18 -2.23 -12.46
C SER A 18 -7.07 -1.68 -13.33
N PHE A 19 -6.12 -2.51 -13.74
CA PHE A 19 -5.00 -1.99 -14.52
C PHE A 19 -5.31 -1.98 -16.02
N MET A 20 -5.53 -3.16 -16.61
CA MET A 20 -5.84 -3.28 -18.04
C MET A 20 -6.64 -4.55 -18.33
N ASP A 21 -7.81 -4.37 -18.92
CA ASP A 21 -8.67 -5.46 -19.38
C ASP A 21 -8.34 -5.75 -20.83
N SER A 22 -7.92 -6.98 -21.12
CA SER A 22 -7.53 -7.36 -22.47
C SER A 22 -8.61 -8.15 -23.21
N ASN A 23 -9.74 -8.49 -22.57
CA ASN A 23 -10.72 -9.32 -23.29
C ASN A 23 -12.16 -8.87 -23.09
N GLY A 24 -12.39 -7.63 -22.70
CA GLY A 24 -13.71 -7.06 -22.77
C GLY A 24 -14.70 -7.49 -21.72
N ASP A 25 -14.27 -8.18 -20.67
CA ASP A 25 -15.23 -8.56 -19.64
C ASP A 25 -15.30 -7.53 -18.50
N GLY A 26 -14.55 -6.44 -18.60
CA GLY A 26 -14.57 -5.40 -17.60
C GLY A 26 -13.62 -5.62 -16.45
N ILE A 27 -12.88 -6.72 -16.44
CA ILE A 27 -11.98 -7.08 -15.36
C ILE A 27 -10.55 -7.02 -15.90
N GLY A 28 -9.68 -6.27 -15.22
CA GLY A 28 -8.27 -6.28 -15.59
C GLY A 28 -7.68 -7.67 -15.49
N ASP A 29 -6.64 -7.94 -16.28
CA ASP A 29 -6.10 -9.30 -16.29
C ASP A 29 -4.61 -9.27 -16.59
N ILE A 30 -3.99 -10.45 -16.58
CA ILE A 30 -2.53 -10.56 -16.70
C ILE A 30 -2.08 -10.19 -18.11
N GLN A 31 -2.80 -10.64 -19.14
CA GLN A 31 -2.43 -10.23 -20.48
C GLN A 31 -2.55 -8.71 -20.65
N GLY A 32 -3.48 -8.09 -19.92
CA GLY A 32 -3.52 -6.64 -19.88
C GLY A 32 -2.26 -6.02 -19.32
N VAL A 33 -1.76 -6.57 -18.21
CA VAL A 33 -0.50 -6.10 -17.63
C VAL A 33 0.64 -6.26 -18.63
N ILE A 34 0.72 -7.45 -19.25
CA ILE A 34 1.79 -7.70 -20.22
C ILE A 34 1.76 -6.64 -21.32
N SER A 35 0.57 -6.21 -21.74
CA SER A 35 0.43 -5.27 -22.84
C SER A 35 0.93 -3.87 -22.49
N LYS A 36 1.12 -3.56 -21.20
CA LYS A 36 1.57 -2.24 -20.77
C LYS A 36 2.95 -2.26 -20.12
N LEU A 37 3.72 -3.34 -20.32
CA LEU A 37 5.04 -3.36 -19.71
C LEU A 37 5.95 -2.30 -20.31
N ASP A 38 5.75 -1.95 -21.59
CA ASP A 38 6.50 -0.82 -22.18
C ASP A 38 6.31 0.44 -21.37
N TYR A 39 5.09 0.69 -20.91
CA TYR A 39 4.81 1.86 -20.09
C TYR A 39 5.66 1.87 -18.83
N LEU A 40 5.70 0.73 -18.13
CA LEU A 40 6.46 0.70 -16.88
C LEU A 40 7.96 0.72 -17.14
N SER A 41 8.41 0.07 -18.21
CA SER A 41 9.81 0.18 -18.60
C SER A 41 10.19 1.63 -18.86
N ASP A 42 9.37 2.33 -19.67
CA ASP A 42 9.66 3.72 -20.02
C ASP A 42 9.58 4.64 -18.81
N LEU A 43 8.72 4.33 -17.84
CA LEU A 43 8.68 5.11 -16.62
C LEU A 43 10.01 5.00 -15.87
N GLY A 44 10.71 3.88 -16.02
CA GLY A 44 11.92 3.62 -15.27
C GLY A 44 11.77 2.73 -14.05
N ILE A 45 10.67 1.98 -13.95
CA ILE A 45 10.39 1.13 -12.80
C ILE A 45 11.40 -0.01 -12.72
N ASP A 46 11.85 -0.34 -11.51
CA ASP A 46 12.77 -1.46 -11.29
C ASP A 46 12.07 -2.72 -10.79
N VAL A 47 11.06 -2.57 -9.94
CA VAL A 47 10.37 -3.67 -9.29
C VAL A 47 8.88 -3.44 -9.43
N ILE A 48 8.15 -4.48 -9.83
CA ILE A 48 6.69 -4.43 -9.89
C ILE A 48 6.16 -5.28 -8.75
N TRP A 49 5.31 -4.68 -7.91
CA TRP A 49 4.55 -5.45 -6.93
C TRP A 49 3.14 -5.59 -7.47
N ILE A 50 2.71 -6.83 -7.70
CA ILE A 50 1.36 -7.07 -8.21
C ILE A 50 0.51 -7.61 -7.05
N CYS A 51 -0.66 -7.00 -6.87
CA CYS A 51 -1.62 -7.43 -5.83
C CYS A 51 -2.07 -8.86 -6.13
N PRO A 52 -2.75 -9.54 -5.20
CA PRO A 52 -2.96 -10.99 -5.33
C PRO A 52 -3.61 -11.38 -6.65
N ILE A 53 -3.07 -12.44 -7.26
CA ILE A 53 -3.57 -12.94 -8.54
C ILE A 53 -3.90 -14.42 -8.43
N TYR A 54 -4.13 -14.89 -7.22
CA TYR A 54 -4.40 -16.31 -6.99
C TYR A 54 -5.89 -16.61 -7.04
N GLN A 55 -6.20 -17.90 -7.20
CA GLN A 55 -7.59 -18.36 -7.15
C GLN A 55 -8.29 -17.79 -5.92
N SER A 56 -9.46 -17.19 -6.14
CA SER A 56 -10.14 -16.42 -5.09
C SER A 56 -11.60 -16.25 -5.43
N PRO A 57 -12.53 -16.43 -4.48
CA PRO A 57 -13.92 -15.99 -4.71
C PRO A 57 -14.06 -14.48 -4.78
N ASN A 58 -13.00 -13.72 -4.48
CA ASN A 58 -12.97 -12.27 -4.59
C ASN A 58 -13.97 -11.58 -3.65
N ASP A 59 -14.24 -12.18 -2.49
CA ASP A 59 -14.95 -11.42 -1.46
C ASP A 59 -14.17 -10.19 -1.04
N ASP A 60 -12.84 -10.26 -1.09
CA ASP A 60 -11.92 -9.16 -0.77
C ASP A 60 -10.92 -9.01 -1.92
N ASN A 61 -11.40 -9.17 -3.15
CA ASN A 61 -10.67 -8.91 -4.38
C ASN A 61 -9.24 -9.48 -4.32
N GLY A 62 -9.16 -10.79 -4.13
CA GLY A 62 -7.92 -11.52 -4.20
C GLY A 62 -7.26 -11.81 -2.86
N TYR A 63 -7.57 -11.02 -1.82
CA TYR A 63 -6.99 -11.28 -0.51
C TYR A 63 -7.70 -12.40 0.24
N ASP A 64 -8.69 -13.04 -0.39
CA ASP A 64 -9.32 -14.25 0.15
C ASP A 64 -8.97 -15.38 -0.82
N ILE A 65 -7.91 -16.14 -0.49
CA ILE A 65 -7.32 -17.08 -1.45
C ILE A 65 -7.84 -18.49 -1.20
N SER A 66 -8.32 -19.15 -2.26
CA SER A 66 -8.75 -20.54 -2.15
C SER A 66 -7.77 -21.54 -2.76
N ASP A 67 -6.78 -21.10 -3.55
CA ASP A 67 -5.69 -21.99 -3.97
C ASP A 67 -4.46 -21.11 -4.15
N TYR A 68 -3.47 -21.29 -3.28
CA TYR A 68 -2.24 -20.51 -3.34
C TYR A 68 -1.41 -20.81 -4.59
N LYS A 69 -1.64 -21.94 -5.26
CA LYS A 69 -0.78 -22.38 -6.35
C LYS A 69 -1.48 -22.34 -7.70
N ASP A 70 -2.59 -21.62 -7.81
CA ASP A 70 -3.29 -21.49 -9.08
C ASP A 70 -3.68 -20.04 -9.27
N ILE A 71 -3.69 -19.62 -10.53
CA ILE A 71 -3.98 -18.23 -10.88
C ILE A 71 -5.48 -18.01 -10.90
N MET A 72 -5.91 -16.83 -10.44
CA MET A 72 -7.32 -16.46 -10.48
C MET A 72 -7.85 -16.49 -11.91
N LYS A 73 -8.99 -17.19 -12.09
CA LYS A 73 -9.54 -17.39 -13.42
C LYS A 73 -9.81 -16.06 -14.12
N ASP A 74 -10.31 -15.06 -13.36
CA ASP A 74 -10.53 -13.72 -13.94
C ASP A 74 -9.28 -13.18 -14.61
N PHE A 75 -8.10 -13.51 -14.10
CA PHE A 75 -6.88 -12.87 -14.55
C PHE A 75 -6.14 -13.68 -15.60
N GLY A 76 -6.46 -14.96 -15.75
CA GLY A 76 -5.76 -15.80 -16.70
C GLY A 76 -5.39 -17.15 -16.11
N THR A 77 -4.28 -17.71 -16.59
CA THR A 77 -3.78 -19.02 -16.21
C THR A 77 -2.33 -18.89 -15.74
N MET A 78 -1.79 -19.99 -15.22
CA MET A 78 -0.36 -20.03 -14.91
C MET A 78 0.49 -19.75 -16.14
N GLU A 79 0.04 -20.14 -17.33
CA GLU A 79 0.80 -19.83 -18.53
C GLU A 79 0.88 -18.33 -18.76
N ASP A 80 -0.22 -17.60 -18.48
CA ASP A 80 -0.17 -16.16 -18.58
C ASP A 80 0.79 -15.57 -17.55
N PHE A 81 0.78 -16.12 -16.33
CA PHE A 81 1.73 -15.64 -15.32
C PHE A 81 3.15 -15.91 -15.76
N ASP A 82 3.42 -17.12 -16.25
CA ASP A 82 4.77 -17.44 -16.71
C ASP A 82 5.21 -16.47 -17.79
N GLU A 83 4.30 -16.09 -18.69
CA GLU A 83 4.64 -15.11 -19.71
C GLU A 83 4.94 -13.75 -19.10
N LEU A 84 4.13 -13.34 -18.11
CA LEU A 84 4.36 -12.06 -17.45
C LEU A 84 5.74 -12.02 -16.81
N LEU A 85 6.09 -13.07 -16.04
CA LEU A 85 7.39 -13.08 -15.37
C LEU A 85 8.52 -13.10 -16.38
N ASP A 86 8.37 -13.89 -17.45
CA ASP A 86 9.38 -13.93 -18.50
C ASP A 86 9.57 -12.56 -19.16
N GLU A 87 8.47 -11.84 -19.45
CA GLU A 87 8.57 -10.53 -20.07
C GLU A 87 9.16 -9.50 -19.11
N VAL A 88 8.74 -9.53 -17.86
CA VAL A 88 9.29 -8.62 -16.85
C VAL A 88 10.80 -8.81 -16.75
N HIS A 89 11.25 -10.06 -16.66
CA HIS A 89 12.66 -10.31 -16.47
C HIS A 89 13.48 -9.98 -17.72
N HIS A 90 12.91 -10.20 -18.91
CA HIS A 90 13.63 -9.81 -20.11
C HIS A 90 13.73 -8.29 -20.28
N ARG A 91 12.86 -7.52 -19.61
CA ARG A 91 12.98 -6.07 -19.62
C ARG A 91 13.88 -5.54 -18.52
N GLY A 92 14.58 -6.43 -17.82
CA GLY A 92 15.44 -6.01 -16.74
C GLY A 92 14.69 -5.52 -15.51
N MET A 93 13.44 -5.92 -15.37
CA MET A 93 12.62 -5.55 -14.22
C MET A 93 12.45 -6.76 -13.33
N LYS A 94 11.90 -6.55 -12.14
CA LYS A 94 11.72 -7.60 -11.16
C LYS A 94 10.26 -7.61 -10.72
N LEU A 95 9.81 -8.73 -10.15
CA LEU A 95 8.42 -8.87 -9.75
C LEU A 95 8.34 -9.42 -8.34
N ILE A 96 7.57 -8.76 -7.47
CA ILE A 96 7.27 -9.33 -6.17
C ILE A 96 5.78 -9.58 -6.08
N MET A 97 5.43 -10.68 -5.43
CA MET A 97 4.06 -11.15 -5.31
C MET A 97 3.52 -10.75 -3.95
N ASP A 98 2.20 -10.80 -3.82
CA ASP A 98 1.52 -10.44 -2.59
C ASP A 98 1.31 -11.73 -1.80
N LEU A 99 1.93 -11.83 -0.64
CA LEU A 99 1.91 -13.06 0.14
C LEU A 99 0.89 -12.88 1.26
N VAL A 100 -0.15 -13.71 1.26
CA VAL A 100 -1.34 -13.47 2.07
C VAL A 100 -1.52 -14.71 2.93
N ILE A 101 -0.88 -14.72 4.11
CA ILE A 101 -0.89 -15.94 4.91
C ILE A 101 -1.35 -15.69 6.34
N ASN A 102 -2.04 -14.58 6.59
CA ASN A 102 -2.75 -14.45 7.85
C ASN A 102 -4.06 -15.22 7.85
N HIS A 103 -4.64 -15.41 6.66
CA HIS A 103 -5.99 -15.93 6.49
C HIS A 103 -6.10 -16.53 5.09
N THR A 104 -7.10 -17.37 4.90
CA THR A 104 -7.46 -17.89 3.59
C THR A 104 -8.92 -17.58 3.31
N SER A 105 -9.36 -17.95 2.11
CA SER A 105 -10.77 -17.99 1.80
C SER A 105 -11.46 -19.08 2.61
N ASP A 106 -12.75 -18.88 2.90
CA ASP A 106 -13.50 -19.97 3.51
C ASP A 106 -13.84 -21.04 2.48
N GLU A 107 -13.45 -20.84 1.22
CA GLU A 107 -13.57 -21.85 0.19
C GLU A 107 -12.24 -22.55 -0.07
N HIS A 108 -11.18 -22.19 0.65
CA HIS A 108 -9.95 -22.95 0.59
C HIS A 108 -10.22 -24.37 1.07
N PRO A 109 -9.65 -25.39 0.41
CA PRO A 109 -9.89 -26.77 0.87
C PRO A 109 -9.53 -27.01 2.33
N TRP A 110 -8.51 -26.33 2.87
CA TRP A 110 -8.21 -26.53 4.29
C TRP A 110 -9.39 -26.15 5.16
N PHE A 111 -10.05 -25.03 4.85
CA PHE A 111 -11.16 -24.57 5.67
C PHE A 111 -12.40 -25.42 5.44
N LEU A 112 -12.62 -25.87 4.20
CA LEU A 112 -13.74 -26.77 3.96
C LEU A 112 -13.61 -28.05 4.75
N GLU A 113 -12.38 -28.53 4.95
CA GLU A 113 -12.15 -29.64 5.86
C GLU A 113 -12.32 -29.20 7.31
N SER A 114 -11.68 -28.09 7.67
CA SER A 114 -11.68 -27.61 9.05
C SER A 114 -13.08 -27.44 9.59
N ARG A 115 -13.97 -26.86 8.78
CA ARG A 115 -15.32 -26.56 9.27
C ARG A 115 -16.22 -27.79 9.32
N SER A 116 -15.80 -28.92 8.75
CA SER A 116 -16.74 -30.03 8.60
C SER A 116 -16.95 -30.81 9.89
N ALA A 117 -15.97 -30.83 10.80
CA ALA A 117 -16.13 -31.57 12.04
C ALA A 117 -15.06 -31.12 13.03
N LYS A 118 -15.42 -31.16 14.32
CA LYS A 118 -14.44 -30.86 15.36
C LYS A 118 -13.26 -31.82 15.33
N GLU A 119 -13.48 -33.05 14.86
CA GLU A 119 -12.44 -34.07 14.83
C GLU A 119 -11.72 -34.15 13.49
N ASN A 120 -12.06 -33.29 12.54
CA ASN A 120 -11.33 -33.28 11.27
C ASN A 120 -9.87 -32.89 11.52
N PRO A 121 -8.91 -33.52 10.82
CA PRO A 121 -7.50 -33.20 11.06
C PRO A 121 -7.13 -31.77 10.74
N TYR A 122 -7.94 -31.08 9.95
CA TYR A 122 -7.69 -29.67 9.62
C TYR A 122 -8.39 -28.71 10.56
N ARG A 123 -9.10 -29.20 11.58
CA ARG A 123 -9.85 -28.32 12.48
C ARG A 123 -8.96 -27.22 13.05
N ASP A 124 -7.77 -27.60 13.54
CA ASP A 124 -6.87 -26.67 14.19
C ASP A 124 -6.04 -25.85 13.20
N TYR A 125 -6.30 -25.95 11.90
CA TYR A 125 -5.67 -25.03 10.95
C TYR A 125 -6.22 -23.62 11.10
N TYR A 126 -7.37 -23.47 11.73
CA TYR A 126 -8.04 -22.19 11.89
C TYR A 126 -8.36 -22.00 13.37
N ILE A 127 -9.01 -20.89 13.69
CA ILE A 127 -9.19 -20.46 15.08
C ILE A 127 -10.65 -20.64 15.44
N TRP A 128 -10.95 -21.72 16.18
CA TRP A 128 -12.31 -22.07 16.57
C TRP A 128 -12.48 -21.94 18.08
N HIS A 129 -13.67 -21.50 18.50
CA HIS A 129 -13.94 -21.36 19.93
C HIS A 129 -15.44 -21.42 20.17
N GLU A 130 -15.83 -22.10 21.25
CA GLU A 130 -17.23 -22.06 21.65
C GLU A 130 -17.66 -20.65 22.04
N GLY A 131 -18.94 -20.38 21.88
CA GLY A 131 -19.48 -19.08 22.24
C GLY A 131 -19.46 -18.85 23.74
N LYS A 132 -19.81 -17.63 24.12
CA LYS A 132 -19.84 -17.23 25.52
C LYS A 132 -21.20 -16.62 25.84
N ASP A 133 -21.88 -17.18 26.84
CA ASP A 133 -23.16 -16.62 27.29
C ASP A 133 -24.15 -16.48 26.14
N GLY A 134 -24.18 -17.48 25.27
CA GLY A 134 -25.07 -17.46 24.13
C GLY A 134 -24.65 -16.53 22.99
N LYS A 135 -23.50 -15.89 23.09
CA LYS A 135 -23.03 -14.99 22.03
C LYS A 135 -21.61 -15.39 21.63
N GLU A 136 -20.92 -14.48 20.94
CA GLU A 136 -19.59 -14.76 20.43
C GLU A 136 -18.60 -15.01 21.56
N PRO A 137 -17.46 -15.64 21.25
CA PRO A 137 -16.45 -15.87 22.31
C PRO A 137 -15.96 -14.61 23.00
N ASN A 138 -16.01 -13.46 22.33
CA ASN A 138 -15.61 -12.20 22.95
C ASN A 138 -16.23 -11.06 22.16
N ASN A 139 -15.88 -9.82 22.52
CA ASN A 139 -16.51 -8.64 21.97
C ASN A 139 -15.69 -8.00 20.85
N TRP A 140 -14.75 -8.74 20.25
CA TRP A 140 -13.90 -8.16 19.22
C TRP A 140 -14.67 -7.85 17.94
N GLU A 141 -14.35 -6.71 17.37
CA GLU A 141 -14.87 -6.25 16.08
C GLU A 141 -13.91 -6.63 14.96
N SER A 142 -14.48 -7.06 13.83
CA SER A 142 -13.70 -7.22 12.60
C SER A 142 -13.27 -5.87 12.05
N ILE A 143 -12.10 -5.85 11.39
CA ILE A 143 -11.65 -4.62 10.73
C ILE A 143 -12.61 -4.22 9.64
N PHE A 144 -13.41 -5.16 9.12
CA PHE A 144 -14.42 -4.86 8.12
C PHE A 144 -15.81 -4.73 8.72
N SER A 145 -15.90 -4.39 10.02
CA SER A 145 -17.14 -4.14 10.77
C SER A 145 -17.87 -5.40 11.19
N GLY A 146 -18.75 -5.28 12.18
CA GLY A 146 -19.39 -6.46 12.72
C GLY A 146 -18.43 -7.29 13.56
N SER A 147 -18.92 -8.46 13.96
CA SER A 147 -18.15 -9.35 14.83
C SER A 147 -16.93 -9.93 14.12
N ALA A 148 -15.86 -10.13 14.89
CA ALA A 148 -14.69 -10.88 14.42
C ALA A 148 -14.87 -12.38 14.50
N TRP A 149 -16.08 -12.86 14.85
CA TRP A 149 -16.39 -14.27 14.97
C TRP A 149 -17.63 -14.60 14.16
N GLU A 150 -17.59 -15.73 13.45
CA GLU A 150 -18.72 -16.19 12.65
C GLU A 150 -19.12 -17.59 13.13
N PHE A 151 -20.41 -17.76 13.41
CA PHE A 151 -20.90 -19.03 13.93
C PHE A 151 -21.01 -20.07 12.83
N ASP A 152 -20.57 -21.30 13.14
CA ASP A 152 -20.80 -22.45 12.28
C ASP A 152 -21.91 -23.28 12.88
N GLU A 153 -23.04 -23.37 12.18
CA GLU A 153 -24.19 -24.10 12.72
C GLU A 153 -23.89 -25.59 12.87
N LYS A 154 -23.10 -26.15 11.95
CA LYS A 154 -22.91 -27.59 11.91
C LYS A 154 -22.11 -28.07 13.12
N THR A 155 -20.99 -27.41 13.43
CA THR A 155 -20.14 -27.82 14.54
C THR A 155 -20.38 -27.01 15.81
N LYS A 156 -21.26 -26.00 15.76
CA LYS A 156 -21.68 -25.23 16.94
C LYS A 156 -20.50 -24.54 17.61
N GLU A 157 -19.62 -23.96 16.79
CA GLU A 157 -18.50 -23.17 17.29
C GLU A 157 -18.34 -21.98 16.35
N TYR A 158 -17.65 -20.96 16.83
CA TYR A 158 -17.33 -19.79 16.03
C TYR A 158 -15.92 -19.91 15.49
N TYR A 159 -15.71 -19.40 14.27
CA TYR A 159 -14.35 -19.22 13.74
C TYR A 159 -14.02 -17.74 13.68
N MET A 160 -12.76 -17.42 13.89
CA MET A 160 -12.35 -16.02 13.96
C MET A 160 -12.00 -15.51 12.56
N HIS A 161 -12.43 -14.28 12.28
CA HIS A 161 -12.00 -13.59 11.06
C HIS A 161 -11.72 -12.15 11.41
N VAL A 162 -10.45 -11.76 11.40
CA VAL A 162 -10.13 -10.35 11.56
C VAL A 162 -10.71 -9.54 10.42
N PHE A 163 -10.72 -10.10 9.22
CA PHE A 163 -11.17 -9.41 8.03
C PHE A 163 -12.59 -9.90 7.68
N SER A 164 -12.90 -10.26 6.44
CA SER A 164 -14.30 -10.54 6.14
C SER A 164 -14.72 -11.90 6.68
N LYS A 165 -16.04 -12.12 6.68
CA LYS A 165 -16.59 -13.42 7.08
C LYS A 165 -16.05 -14.55 6.22
N LYS A 166 -15.66 -14.25 4.97
CA LYS A 166 -15.10 -15.24 4.07
C LYS A 166 -13.57 -15.26 4.11
N GLN A 167 -12.97 -14.74 5.17
CA GLN A 167 -11.51 -14.75 5.37
C GLN A 167 -11.15 -15.30 6.75
N PRO A 168 -11.43 -16.58 7.03
CA PRO A 168 -11.05 -17.16 8.33
C PRO A 168 -9.54 -17.09 8.58
N ASP A 169 -9.16 -16.65 9.78
CA ASP A 169 -7.75 -16.53 10.12
C ASP A 169 -7.11 -17.90 10.30
N LEU A 170 -5.89 -18.01 9.78
CA LEU A 170 -5.10 -19.22 10.00
C LEU A 170 -4.56 -19.25 11.43
N ASN A 171 -4.42 -20.47 11.95
CA ASN A 171 -3.92 -20.69 13.32
C ASN A 171 -2.41 -20.88 13.28
N TRP A 172 -1.66 -19.79 13.48
CA TRP A 172 -0.21 -19.86 13.44
C TRP A 172 0.36 -20.56 14.68
N GLU A 173 -0.46 -20.93 15.66
CA GLU A 173 0.08 -21.74 16.74
C GLU A 173 0.18 -23.22 16.37
N ASN A 174 -0.31 -23.59 15.19
CA ASN A 174 -0.30 -24.97 14.74
C ASN A 174 0.92 -25.21 13.87
N GLU A 175 1.83 -26.09 14.32
CA GLU A 175 3.04 -26.36 13.53
C GLU A 175 2.70 -26.86 12.13
N LYS A 176 1.64 -27.65 11.99
CA LYS A 176 1.33 -28.19 10.67
C LYS A 176 0.93 -27.07 9.69
N VAL A 177 0.20 -26.06 10.17
CA VAL A 177 -0.14 -24.91 9.34
C VAL A 177 1.12 -24.22 8.85
N ARG A 178 2.02 -23.90 9.78
CA ARG A 178 3.24 -23.20 9.41
C ARG A 178 4.02 -23.98 8.38
N HIS A 179 4.15 -25.30 8.57
CA HIS A 179 4.91 -26.11 7.62
C HIS A 179 4.30 -26.05 6.22
N GLU A 180 2.98 -26.15 6.12
CA GLU A 180 2.35 -26.07 4.81
C GLU A 180 2.53 -24.69 4.19
N LEU A 181 2.42 -23.63 4.99
CA LEU A 181 2.64 -22.28 4.46
C LEU A 181 4.06 -22.11 3.94
N TYR A 182 5.07 -22.57 4.69
CA TYR A 182 6.45 -22.41 4.25
C TYR A 182 6.71 -23.16 2.94
N GLU A 183 6.16 -24.38 2.81
CA GLU A 183 6.31 -25.12 1.56
C GLU A 183 5.75 -24.34 0.40
N MET A 184 4.61 -23.68 0.60
CA MET A 184 3.98 -22.97 -0.50
C MET A 184 4.75 -21.71 -0.84
N VAL A 185 5.28 -21.01 0.18
CA VAL A 185 6.11 -19.83 -0.09
C VAL A 185 7.31 -20.21 -0.95
N ASN A 186 7.99 -21.30 -0.56
CA ASN A 186 9.18 -21.72 -1.27
C ASN A 186 8.86 -22.22 -2.67
N TRP A 187 7.68 -22.81 -2.86
CA TRP A 187 7.22 -23.21 -4.18
C TRP A 187 7.18 -22.01 -5.13
N TRP A 188 6.64 -20.88 -4.66
CA TRP A 188 6.66 -19.65 -5.46
C TRP A 188 8.08 -19.14 -5.66
N LEU A 189 8.87 -19.11 -4.59
CA LEU A 189 10.23 -18.60 -4.72
C LEU A 189 11.06 -19.43 -5.70
N ASP A 190 10.77 -20.73 -5.81
CA ASP A 190 11.49 -21.60 -6.72
C ASP A 190 11.18 -21.28 -8.18
N LYS A 191 10.08 -20.58 -8.45
CA LYS A 191 9.80 -20.14 -9.81
C LYS A 191 10.67 -18.96 -10.23
N GLY A 192 11.37 -18.33 -9.30
CA GLY A 192 12.22 -17.20 -9.64
C GLY A 192 11.55 -15.85 -9.55
N ILE A 193 10.46 -15.71 -8.80
CA ILE A 193 9.97 -14.38 -8.50
C ILE A 193 11.01 -13.72 -7.62
N ASP A 194 10.92 -12.41 -7.45
CA ASP A 194 11.97 -11.65 -6.79
C ASP A 194 11.63 -11.26 -5.36
N GLY A 195 10.53 -11.78 -4.82
CA GLY A 195 10.23 -11.51 -3.43
C GLY A 195 8.75 -11.30 -3.22
N PHE A 196 8.41 -10.73 -2.07
CA PHE A 196 7.03 -10.62 -1.65
C PHE A 196 6.78 -9.29 -0.96
N ARG A 197 5.59 -8.77 -1.16
CA ARG A 197 4.96 -7.87 -0.20
C ARG A 197 4.11 -8.75 0.71
N VAL A 198 4.28 -8.65 2.02
CA VAL A 198 3.70 -9.63 2.93
C VAL A 198 2.50 -9.01 3.65
N ASP A 199 1.31 -9.50 3.29
CA ASP A 199 0.02 -8.91 3.70
C ASP A 199 -0.32 -9.14 5.17
N ALA A 200 -0.83 -8.10 5.83
CA ALA A 200 -1.46 -8.23 7.17
C ALA A 200 -0.58 -9.01 8.15
N ILE A 201 0.75 -8.93 7.96
CA ILE A 201 1.62 -9.89 8.63
C ILE A 201 1.71 -9.63 10.13
N SER A 202 1.35 -8.41 10.55
CA SER A 202 1.28 -8.04 11.97
C SER A 202 0.15 -8.74 12.72
N HIS A 203 -0.75 -9.44 12.04
CA HIS A 203 -1.96 -9.94 12.67
C HIS A 203 -1.91 -11.43 13.01
N ILE A 204 -0.76 -12.08 12.82
CA ILE A 204 -0.72 -13.54 12.91
C ILE A 204 -0.63 -14.07 14.34
N LYS A 205 -0.31 -13.23 15.32
CA LYS A 205 -0.29 -13.65 16.72
C LYS A 205 -1.51 -13.07 17.44
N LYS A 206 -2.37 -13.96 17.93
CA LYS A 206 -3.55 -13.57 18.71
C LYS A 206 -3.25 -13.72 20.19
N VAL A 207 -3.79 -12.82 21.01
CA VAL A 207 -3.58 -12.94 22.45
C VAL A 207 -4.29 -14.19 22.95
N ALA A 208 -3.55 -15.05 23.64
CA ALA A 208 -4.09 -16.35 24.05
C ALA A 208 -5.30 -16.17 24.97
N GLY A 209 -6.31 -17.02 24.77
CA GLY A 209 -7.57 -16.89 25.48
C GLY A 209 -8.51 -15.84 24.93
N PHE A 210 -8.07 -15.03 23.97
CA PHE A 210 -8.86 -14.01 23.29
C PHE A 210 -9.71 -13.19 24.26
N PRO A 211 -9.10 -12.49 25.22
CA PRO A 211 -9.89 -11.80 26.23
C PRO A 211 -10.65 -10.63 25.66
N ASP A 212 -11.84 -10.40 26.23
CA ASP A 212 -12.63 -9.21 25.93
C ASP A 212 -11.78 -7.96 26.09
N LEU A 213 -12.09 -6.96 25.29
CA LEU A 213 -11.53 -5.63 25.41
C LEU A 213 -12.51 -4.69 26.09
N PRO A 214 -12.05 -3.54 26.61
CA PRO A 214 -12.99 -2.60 27.24
C PRO A 214 -14.11 -2.17 26.32
N ASN A 215 -15.31 -2.03 26.88
CA ASN A 215 -16.47 -1.58 26.12
C ASN A 215 -17.31 -0.62 26.97
N PRO A 216 -16.74 0.49 27.42
CA PRO A 216 -17.52 1.42 28.26
C PRO A 216 -18.69 2.07 27.54
N GLU A 217 -18.65 2.14 26.21
CA GLU A 217 -19.73 2.73 25.45
C GLU A 217 -20.82 1.73 25.09
N LYS A 218 -20.66 0.47 25.53
CA LYS A 218 -21.64 -0.60 25.25
C LYS A 218 -21.95 -0.71 23.77
N LEU A 219 -20.90 -0.66 22.95
CA LEU A 219 -21.04 -0.90 21.53
C LEU A 219 -21.32 -2.38 21.28
N ASP A 220 -21.83 -2.66 20.07
CA ASP A 220 -22.05 -4.05 19.69
C ASP A 220 -20.75 -4.84 19.75
N TYR A 221 -19.67 -4.26 19.21
CA TYR A 221 -18.33 -4.86 19.19
C TYR A 221 -17.32 -3.73 19.33
N VAL A 222 -16.09 -4.07 19.75
CA VAL A 222 -15.07 -3.02 19.88
C VAL A 222 -13.84 -3.28 19.02
N PRO A 223 -13.21 -2.23 18.49
CA PRO A 223 -11.98 -2.41 17.69
C PRO A 223 -10.98 -3.29 18.42
N SER A 224 -10.40 -4.26 17.71
CA SER A 224 -9.76 -5.39 18.39
C SER A 224 -8.26 -5.46 18.15
N PHE A 225 -7.62 -4.37 17.72
CA PHE A 225 -6.19 -4.38 17.43
C PHE A 225 -5.36 -4.83 18.61
N GLU A 226 -5.76 -4.47 19.84
CA GLU A 226 -5.01 -4.92 21.01
C GLU A 226 -5.09 -6.43 21.21
N GLY A 227 -5.96 -7.12 20.49
CA GLY A 227 -6.01 -8.57 20.59
C GLY A 227 -5.21 -9.31 19.53
N HIS A 228 -4.83 -8.61 18.44
CA HIS A 228 -4.18 -9.34 17.34
C HIS A 228 -3.19 -8.56 16.51
N MET A 229 -2.97 -7.26 16.73
CA MET A 229 -1.97 -6.52 15.95
C MET A 229 -0.65 -6.42 16.70
N ASN A 230 0.41 -7.01 16.13
CA ASN A 230 1.76 -6.96 16.67
C ASN A 230 1.79 -7.35 18.14
N ARG A 231 1.27 -8.57 18.41
CA ARG A 231 1.16 -9.00 19.80
C ARG A 231 2.41 -9.76 20.23
N PRO A 232 2.73 -9.72 21.52
CA PRO A 232 3.89 -10.48 22.02
C PRO A 232 3.81 -11.95 21.61
N GLY A 233 4.94 -12.47 21.14
CA GLY A 233 4.99 -13.81 20.59
C GLY A 233 5.07 -13.84 19.08
N ILE A 234 4.78 -12.72 18.42
CA ILE A 234 4.76 -12.71 16.96
C ILE A 234 6.17 -12.90 16.39
N GLN A 235 7.20 -12.43 17.09
CA GLN A 235 8.55 -12.49 16.52
C GLN A 235 9.03 -13.91 16.36
N GLU A 236 8.63 -14.82 17.26
CA GLU A 236 8.98 -16.23 17.10
C GLU A 236 8.52 -16.76 15.75
N HIS A 237 7.30 -16.41 15.34
CA HIS A 237 6.76 -16.88 14.07
C HIS A 237 7.47 -16.23 12.90
N LEU A 238 7.70 -14.92 12.98
CA LEU A 238 8.30 -14.21 11.86
C LEU A 238 9.76 -14.60 11.69
N LYS A 239 10.46 -14.86 12.79
CA LYS A 239 11.84 -15.33 12.67
C LYS A 239 11.88 -16.70 12.00
N GLU A 240 10.96 -17.59 12.36
CA GLU A 240 10.92 -18.90 11.72
C GLU A 240 10.54 -18.78 10.25
N LEU A 241 9.56 -17.93 9.93
CA LEU A 241 9.20 -17.70 8.53
C LEU A 241 10.41 -17.27 7.72
N LYS A 242 11.21 -16.36 8.25
CA LYS A 242 12.39 -15.88 7.53
C LYS A 242 13.42 -17.00 7.34
N GLU A 243 13.72 -17.74 8.42
CA GLU A 243 14.72 -18.80 8.32
C GLU A 243 14.30 -19.92 7.39
N LYS A 244 13.01 -20.27 7.38
CA LYS A 244 12.53 -21.39 6.58
C LYS A 244 12.25 -21.01 5.13
N THR A 245 12.12 -19.72 4.81
CA THR A 245 11.77 -19.32 3.45
C THR A 245 12.71 -18.22 2.92
N PHE A 246 12.42 -16.96 3.27
CA PHE A 246 13.06 -15.82 2.61
C PHE A 246 14.59 -15.91 2.62
N ALA A 247 15.15 -16.34 3.75
CA ALA A 247 16.61 -16.33 3.90
C ALA A 247 17.30 -17.26 2.91
N LYS A 248 16.57 -18.16 2.27
CA LYS A 248 17.17 -19.10 1.33
C LYS A 248 17.29 -18.56 -0.09
N TYR A 249 16.84 -17.31 -0.34
CA TYR A 249 16.76 -16.76 -1.69
C TYR A 249 17.24 -15.32 -1.70
N ASP A 250 17.74 -14.87 -2.85
CA ASP A 250 18.17 -13.48 -3.02
C ASP A 250 16.94 -12.70 -3.48
N ILE A 251 16.15 -12.21 -2.52
CA ILE A 251 14.87 -11.57 -2.82
C ILE A 251 14.76 -10.29 -2.00
N MET A 252 13.69 -9.54 -2.23
CA MET A 252 13.31 -8.46 -1.34
C MET A 252 11.99 -8.81 -0.67
N THR A 253 11.84 -8.43 0.60
CA THR A 253 10.56 -8.54 1.29
C THR A 253 10.18 -7.19 1.87
N VAL A 254 8.93 -6.79 1.68
CA VAL A 254 8.37 -5.65 2.40
C VAL A 254 7.14 -6.16 3.15
N GLY A 255 7.16 -6.02 4.47
CA GLY A 255 6.07 -6.49 5.29
C GLY A 255 5.09 -5.36 5.51
N GLN A 256 3.80 -5.65 5.34
CA GLN A 256 2.75 -4.68 5.66
C GLN A 256 2.45 -4.85 7.14
N ALA A 257 2.99 -3.97 7.97
CA ALA A 257 3.08 -4.24 9.42
C ALA A 257 2.53 -3.10 10.26
N GLY A 258 1.23 -3.16 10.55
CA GLY A 258 0.66 -2.22 11.50
C GLY A 258 1.14 -2.48 12.92
N GLY A 259 1.02 -1.45 13.75
CA GLY A 259 1.38 -1.56 15.15
C GLY A 259 2.85 -1.52 15.46
N VAL A 260 3.68 -1.16 14.49
CA VAL A 260 5.11 -1.01 14.69
C VAL A 260 5.41 0.48 14.69
N THR A 261 6.17 0.94 15.69
CA THR A 261 6.54 2.35 15.80
C THR A 261 7.98 2.55 15.35
N SER A 262 8.33 3.81 15.10
CA SER A 262 9.65 4.10 14.53
C SER A 262 10.79 3.74 15.46
N ASP A 263 10.57 3.70 16.78
CA ASP A 263 11.64 3.35 17.69
C ASP A 263 11.65 1.88 18.08
N SER A 264 10.63 1.12 17.68
CA SER A 264 10.53 -0.30 18.01
C SER A 264 10.57 -1.16 16.74
N ALA A 265 11.32 -0.73 15.73
CA ALA A 265 11.32 -1.38 14.43
C ALA A 265 12.51 -2.31 14.21
N ASP A 266 13.42 -2.42 15.18
CA ASP A 266 14.65 -3.20 14.98
C ASP A 266 14.33 -4.62 14.52
N GLU A 267 13.43 -5.30 15.22
CA GLU A 267 13.18 -6.70 14.93
C GLU A 267 12.57 -6.88 13.54
N TRP A 268 11.96 -5.83 12.99
CA TRP A 268 11.27 -5.92 11.71
C TRP A 268 12.18 -5.65 10.52
N VAL A 269 13.16 -4.74 10.62
CA VAL A 269 13.83 -4.27 9.42
C VAL A 269 15.32 -4.03 9.61
N ALA A 270 15.86 -4.27 10.80
CA ALA A 270 17.29 -4.09 10.98
C ALA A 270 18.05 -4.96 9.97
N GLU A 271 19.14 -4.40 9.45
CA GLU A 271 20.01 -5.18 8.59
C GLU A 271 20.49 -6.43 9.31
N ASP A 272 20.84 -6.29 10.58
CA ASP A 272 21.30 -7.42 11.39
C ASP A 272 20.08 -8.02 12.11
N GLY A 273 19.45 -8.99 11.47
CA GLY A 273 18.44 -9.81 12.11
C GLY A 273 17.00 -9.42 11.92
N GLY A 274 16.69 -8.45 11.06
CA GLY A 274 15.30 -8.06 10.87
C GLY A 274 14.51 -9.08 10.07
N ASN A 275 13.20 -9.09 10.33
CA ASN A 275 12.28 -10.02 9.67
C ASN A 275 12.24 -9.81 8.17
N PHE A 276 12.31 -8.56 7.75
CA PHE A 276 12.09 -8.14 6.37
C PHE A 276 13.14 -7.11 6.01
N ASN A 277 13.22 -6.79 4.71
CA ASN A 277 14.09 -5.71 4.29
C ASN A 277 13.50 -4.33 4.61
N MET A 278 12.18 -4.25 4.75
CA MET A 278 11.49 -2.98 4.84
C MET A 278 10.04 -3.30 5.18
N ILE A 279 9.34 -2.34 5.80
CA ILE A 279 7.94 -2.53 6.13
C ILE A 279 7.15 -1.33 5.65
N PHE A 280 5.86 -1.56 5.36
CA PHE A 280 4.90 -0.48 5.25
C PHE A 280 4.37 -0.20 6.65
N GLN A 281 4.52 1.04 7.09
CA GLN A 281 3.91 1.53 8.32
C GLN A 281 2.85 2.57 7.96
N PHE A 282 1.89 2.75 8.87
CA PHE A 282 0.66 3.48 8.58
C PHE A 282 0.55 4.82 9.28
N GLU A 283 1.59 5.27 9.99
CA GLU A 283 1.42 6.40 10.89
C GLU A 283 1.09 7.68 10.13
N HIS A 284 1.71 7.87 8.95
CA HIS A 284 1.40 9.07 8.19
C HIS A 284 0.09 8.99 7.44
N MET A 285 -0.58 7.83 7.44
CA MET A 285 -1.88 7.74 6.77
C MET A 285 -3.05 7.94 7.72
N GLY A 286 -2.79 8.31 8.97
CA GLY A 286 -3.85 8.54 9.94
C GLY A 286 -4.01 9.96 10.45
N LEU A 287 -3.80 10.96 9.58
CA LEU A 287 -3.91 12.37 9.95
C LEU A 287 -5.25 12.91 9.44
N TRP A 288 -6.32 12.59 10.17
CA TRP A 288 -7.63 13.13 9.84
C TRP A 288 -7.90 14.35 10.70
N ASP A 289 -8.72 15.27 10.16
CA ASP A 289 -8.99 16.55 10.80
C ASP A 289 -9.54 16.37 12.22
N LYS A 294 -8.30 22.93 10.09
CA LYS A 294 -8.77 22.13 8.96
C LYS A 294 -7.71 21.83 7.88
N PRO A 295 -6.76 22.75 7.64
CA PRO A 295 -5.62 22.38 6.80
C PRO A 295 -4.86 21.19 7.39
N LEU A 296 -4.23 20.43 6.50
CA LEU A 296 -3.32 19.37 6.90
C LEU A 296 -2.34 19.87 7.97
N ASP A 297 -2.19 19.12 9.05
CA ASP A 297 -1.18 19.42 10.05
C ASP A 297 0.19 19.07 9.50
N LEU A 298 0.83 20.01 8.79
CA LEU A 298 2.11 19.72 8.15
C LEU A 298 3.16 19.30 9.18
N ILE A 299 3.15 19.94 10.35
CA ILE A 299 4.25 19.68 11.27
C ILE A 299 4.12 18.30 11.89
N GLU A 300 2.90 17.82 12.08
CA GLU A 300 2.76 16.42 12.50
C GLU A 300 3.23 15.47 11.43
N LEU A 301 3.00 15.78 10.14
CA LEU A 301 3.52 14.95 9.07
C LEU A 301 5.04 14.93 9.06
N LYS A 302 5.66 16.10 9.26
CA LYS A 302 7.11 16.16 9.37
C LYS A 302 7.60 15.28 10.51
N THR A 303 6.93 15.37 11.66
CA THR A 303 7.36 14.64 12.82
C THR A 303 7.34 13.13 12.57
N ILE A 304 6.22 12.64 12.00
CA ILE A 304 6.10 11.22 11.71
C ILE A 304 7.19 10.77 10.75
N LEU A 305 7.28 11.42 9.58
CA LEU A 305 8.22 10.92 8.58
C LEU A 305 9.66 11.07 9.05
N THR A 306 9.98 12.16 9.77
CA THR A 306 11.33 12.33 10.30
C THR A 306 11.65 11.28 11.37
N ASN A 307 10.68 10.94 12.21
CA ASN A 307 10.89 9.88 13.19
C ASN A 307 11.30 8.58 12.51
N TRP A 308 10.68 8.26 11.39
CA TRP A 308 11.00 7.03 10.68
C TRP A 308 12.32 7.13 9.93
N GLN A 309 12.63 8.31 9.36
CA GLN A 309 13.94 8.48 8.73
C GLN A 309 15.05 8.33 9.76
N ASN A 310 14.96 9.08 10.85
CA ASN A 310 15.99 9.02 11.89
C ASN A 310 16.01 7.66 12.57
N GLY A 311 14.83 7.12 12.88
CA GLY A 311 14.77 5.89 13.67
C GLY A 311 15.36 4.70 12.94
N LEU A 312 15.09 4.58 11.64
CA LEU A 312 15.67 3.45 10.91
C LEU A 312 17.12 3.71 10.55
N GLU A 313 17.55 4.97 10.46
CA GLU A 313 18.96 5.24 10.25
C GLU A 313 19.80 4.74 11.43
N LYS A 314 19.28 4.87 12.64
CA LYS A 314 20.04 4.47 13.83
C LYS A 314 20.22 2.96 13.92
N ILE A 315 19.34 2.18 13.32
CA ILE A 315 19.41 0.72 13.42
C ILE A 315 19.83 0.07 12.11
N ASN A 316 20.31 0.85 11.13
CA ASN A 316 20.63 0.34 9.81
C ASN A 316 19.44 -0.40 9.20
N GLY A 317 18.24 0.15 9.39
CA GLY A 317 17.07 -0.32 8.68
C GLY A 317 16.85 0.50 7.41
N TRP A 318 15.75 0.20 6.73
CA TRP A 318 15.44 0.83 5.45
C TRP A 318 13.94 1.10 5.35
N ASN A 319 13.57 2.30 4.90
CA ASN A 319 12.16 2.69 4.82
C ASN A 319 11.56 2.32 3.47
N ALA A 320 10.30 1.88 3.50
CA ALA A 320 9.47 1.81 2.31
C ALA A 320 8.68 3.10 2.22
N LEU A 321 8.93 3.88 1.16
CA LEU A 321 8.33 5.21 1.02
C LEU A 321 7.08 5.12 0.15
N TYR A 322 5.98 5.70 0.62
CA TYR A 322 4.74 5.65 -0.15
C TYR A 322 3.78 6.68 0.39
N LEU A 323 2.86 7.09 -0.47
CA LEU A 323 1.70 7.89 -0.10
C LEU A 323 0.38 7.31 -0.59
N GLU A 324 0.42 6.28 -1.43
CA GLU A 324 -0.79 5.69 -2.01
C GLU A 324 -0.65 4.18 -2.05
N ASN A 325 -1.79 3.51 -1.96
CA ASN A 325 -1.91 2.08 -2.28
C ASN A 325 -3.41 1.77 -2.43
N HIS A 326 -3.73 0.48 -2.59
CA HIS A 326 -5.09 0.02 -2.82
C HIS A 326 -5.97 0.10 -1.58
N ASP A 327 -5.41 0.53 -0.45
CA ASP A 327 -6.15 0.60 0.82
C ASP A 327 -6.42 2.03 1.28
N GLN A 328 -6.03 3.03 0.49
CA GLN A 328 -6.12 4.42 0.90
C GLN A 328 -6.86 5.20 -0.17
N ILE A 329 -7.24 6.44 0.18
CA ILE A 329 -7.75 7.37 -0.83
C ILE A 329 -6.57 7.95 -1.60
N ARG A 330 -6.88 8.70 -2.66
CA ARG A 330 -5.82 9.28 -3.49
C ARG A 330 -5.08 10.38 -2.74
N SER A 331 -3.78 10.51 -3.02
CA SER A 331 -2.93 11.38 -2.22
C SER A 331 -3.13 12.86 -2.53
N VAL A 332 -3.52 13.22 -3.76
CA VAL A 332 -3.89 14.61 -4.00
C VAL A 332 -4.98 15.03 -3.03
N ASN A 333 -5.98 14.16 -2.82
CA ASN A 333 -7.03 14.45 -1.86
C ASN A 333 -6.53 14.41 -0.42
N LYS A 334 -5.73 13.39 -0.07
CA LYS A 334 -5.39 13.16 1.33
C LYS A 334 -4.36 14.16 1.82
N PHE A 335 -3.42 14.55 0.95
CA PHE A 335 -2.28 15.37 1.35
C PHE A 335 -2.09 16.63 0.51
N GLY A 336 -2.72 16.73 -0.66
CA GLY A 336 -2.55 17.87 -1.54
C GLY A 336 -3.82 18.71 -1.66
N SER A 337 -4.15 19.14 -2.86
CA SER A 337 -5.33 19.98 -3.05
C SER A 337 -5.90 19.73 -4.44
N THR A 338 -7.21 19.44 -4.51
CA THR A 338 -7.84 19.33 -5.82
C THR A 338 -7.90 20.66 -6.55
N ALA A 339 -7.76 21.78 -5.83
CA ALA A 339 -7.69 23.08 -6.49
C ALA A 339 -6.34 23.33 -7.16
N TYR A 340 -5.31 22.59 -6.75
CA TYR A 340 -3.99 22.60 -7.36
C TYR A 340 -3.56 21.16 -7.64
N ARG A 341 -4.31 20.49 -8.49
CA ARG A 341 -4.12 19.03 -8.64
C ARG A 341 -2.75 18.70 -9.22
N VAL A 342 -2.39 19.34 -10.33
CA VAL A 342 -1.11 19.03 -10.98
C VAL A 342 0.05 19.49 -10.12
N GLU A 343 -0.05 20.71 -9.56
CA GLU A 343 1.04 21.24 -8.75
C GLU A 343 1.24 20.43 -7.48
N SER A 344 0.15 20.13 -6.77
CA SER A 344 0.29 19.38 -5.52
C SER A 344 0.68 17.92 -5.77
N ALA A 345 0.20 17.32 -6.87
CA ALA A 345 0.67 15.98 -7.20
C ALA A 345 2.18 15.96 -7.34
N LYS A 346 2.75 16.97 -8.00
CA LYS A 346 4.19 16.98 -8.18
C LYS A 346 4.89 17.30 -6.88
N CYS A 347 4.36 18.26 -6.11
CA CYS A 347 4.92 18.61 -4.81
C CYS A 347 4.99 17.38 -3.90
N LEU A 348 3.86 16.67 -3.77
CA LEU A 348 3.84 15.44 -2.98
C LEU A 348 4.84 14.42 -3.49
N ALA A 349 4.94 14.29 -4.81
CA ALA A 349 5.89 13.34 -5.38
C ALA A 349 7.31 13.63 -4.93
N ALA A 350 7.77 14.87 -5.14
CA ALA A 350 9.13 15.22 -4.72
C ALA A 350 9.31 14.99 -3.22
N LEU A 351 8.29 15.34 -2.43
CA LEU A 351 8.36 15.25 -0.98
C LEU A 351 8.61 13.81 -0.52
N TYR A 352 7.73 12.87 -0.87
CA TYR A 352 7.87 11.52 -0.33
C TYR A 352 8.95 10.72 -1.05
N PHE A 353 9.17 10.99 -2.34
CA PHE A 353 9.99 10.11 -3.15
C PHE A 353 11.48 10.25 -2.85
N LEU A 354 11.90 11.44 -2.42
CA LEU A 354 13.33 11.76 -2.27
C LEU A 354 13.79 11.67 -0.81
N MET A 355 12.99 11.06 0.06
CA MET A 355 13.51 10.75 1.37
C MET A 355 14.36 9.48 1.25
N LYS A 356 15.00 9.05 2.33
CA LYS A 356 15.85 7.87 2.23
C LYS A 356 14.99 6.63 2.38
N GLY A 357 15.05 5.74 1.39
CA GLY A 357 14.23 4.55 1.39
C GLY A 357 13.96 4.12 -0.03
N THR A 358 13.10 3.10 -0.16
CA THR A 358 12.68 2.62 -1.45
C THR A 358 11.31 3.18 -1.77
N PRO A 359 11.15 4.02 -2.80
CA PRO A 359 9.83 4.59 -3.09
C PRO A 359 8.96 3.65 -3.89
N PHE A 360 7.69 3.64 -3.54
CA PHE A 360 6.65 2.89 -4.24
C PHE A 360 5.72 3.89 -4.92
N ILE A 361 5.37 3.62 -6.17
CA ILE A 361 4.38 4.37 -6.92
C ILE A 361 3.18 3.47 -7.11
N TYR A 362 2.00 3.93 -6.72
CA TYR A 362 0.77 3.17 -6.92
C TYR A 362 0.14 3.58 -8.24
N GLN A 363 -0.43 2.63 -8.97
CA GLN A 363 -0.97 2.92 -10.29
C GLN A 363 -1.91 4.13 -10.27
N GLY A 364 -1.65 5.08 -11.17
CA GLY A 364 -2.41 6.31 -11.27
C GLY A 364 -1.88 7.46 -10.43
N GLN A 365 -1.10 7.15 -9.38
CA GLN A 365 -0.44 8.21 -8.61
C GLN A 365 0.42 9.07 -9.52
N GLU A 366 1.09 8.45 -10.50
CA GLU A 366 1.97 9.18 -11.41
C GLU A 366 1.21 10.04 -12.42
N LEU A 367 -0.12 9.95 -12.45
CA LEU A 367 -0.94 10.85 -13.26
C LEU A 367 -1.65 11.92 -12.45
N GLY A 368 -1.57 11.87 -11.12
CA GLY A 368 -2.38 12.80 -10.35
C GLY A 368 -3.84 12.43 -10.33
N MET A 369 -4.12 11.15 -10.38
CA MET A 369 -5.49 10.65 -10.26
C MET A 369 -6.08 11.03 -8.90
N THR A 370 -7.39 11.27 -8.86
CA THR A 370 -8.03 11.80 -7.65
C THR A 370 -9.23 10.95 -7.27
N ASN A 371 -9.80 11.26 -6.09
CA ASN A 371 -10.97 10.54 -5.61
C ASN A 371 -12.14 10.67 -6.57
N VAL A 372 -13.04 9.69 -6.47
CA VAL A 372 -14.28 9.64 -7.23
C VAL A 372 -15.44 9.82 -6.25
N LYS A 373 -16.59 10.24 -6.78
CA LYS A 373 -17.81 10.33 -5.99
C LYS A 373 -18.93 9.72 -6.82
N PHE A 374 -19.26 8.47 -6.56
CA PHE A 374 -20.39 7.83 -7.19
C PHE A 374 -21.62 8.05 -6.34
N ASP A 375 -22.76 8.31 -6.99
CA ASP A 375 -23.97 8.64 -6.23
C ASP A 375 -24.54 7.43 -5.50
N SER A 376 -24.40 6.23 -6.06
CA SER A 376 -25.11 5.07 -5.54
C SER A 376 -24.18 4.11 -4.80
N ILE A 377 -24.66 3.58 -3.67
CA ILE A 377 -23.89 2.55 -2.97
C ILE A 377 -23.67 1.35 -3.86
N ASP A 378 -24.54 1.15 -4.86
CA ASP A 378 -24.42 0.00 -5.77
C ASP A 378 -23.24 0.17 -6.73
N ASP A 379 -22.71 1.38 -6.87
CA ASP A 379 -21.53 1.60 -7.68
C ASP A 379 -20.25 1.22 -6.94
N TYR A 380 -20.31 0.97 -5.63
CA TYR A 380 -19.11 0.64 -4.87
C TYR A 380 -19.02 -0.86 -4.68
N ASP A 381 -17.82 -1.32 -4.28
CA ASP A 381 -17.54 -2.76 -4.23
C ASP A 381 -16.90 -3.20 -2.92
N ASP A 382 -16.03 -2.37 -2.35
CA ASP A 382 -15.23 -2.70 -1.17
C ASP A 382 -16.05 -3.40 -0.07
N VAL A 383 -15.75 -4.68 0.15
CA VAL A 383 -16.44 -5.48 1.18
C VAL A 383 -16.46 -4.76 2.52
N GLY A 384 -15.36 -4.08 2.87
CA GLY A 384 -15.31 -3.37 4.12
C GLY A 384 -16.33 -2.25 4.21
N MET A 385 -16.48 -1.46 3.14
CA MET A 385 -17.41 -0.34 3.16
C MET A 385 -18.85 -0.79 2.93
N ILE A 386 -19.05 -1.86 2.16
CA ILE A 386 -20.40 -2.40 1.99
C ILE A 386 -20.90 -2.98 3.31
N ASN A 387 -20.05 -3.71 4.03
CA ASN A 387 -20.44 -4.22 5.34
C ASN A 387 -20.65 -3.07 6.32
N TYR A 388 -19.79 -2.06 6.26
CA TYR A 388 -20.01 -0.87 7.09
C TYR A 388 -21.38 -0.27 6.82
N TYR A 389 -21.73 -0.12 5.54
CA TYR A 389 -23.02 0.43 5.18
C TYR A 389 -24.14 -0.39 5.81
N ARG A 390 -24.10 -1.71 5.61
CA ARG A 390 -25.18 -2.56 6.08
C ARG A 390 -25.28 -2.52 7.60
N ILE A 391 -24.14 -2.56 8.29
CA ILE A 391 -24.14 -2.58 9.75
C ILE A 391 -24.65 -1.25 10.28
N GLN A 392 -24.15 -0.13 9.74
CA GLN A 392 -24.55 1.17 10.25
C GLN A 392 -25.97 1.53 9.84
N ARG A 393 -26.41 1.11 8.66
CA ARG A 393 -27.79 1.39 8.26
C ARG A 393 -28.76 0.69 9.18
N GLU A 394 -28.45 -0.58 9.53
CA GLU A 394 -29.23 -1.34 10.50
C GLU A 394 -29.33 -0.65 11.84
N LYS A 395 -28.29 0.10 12.23
CA LYS A 395 -28.24 0.80 13.50
C LYS A 395 -28.93 2.16 13.46
N GLY A 396 -29.41 2.59 12.30
CA GLY A 396 -30.10 3.87 12.19
C GLY A 396 -29.27 5.00 11.64
N ASP A 397 -28.03 4.76 11.22
CA ASP A 397 -27.29 5.79 10.50
C ASP A 397 -27.98 6.04 9.17
N SER A 398 -28.01 7.31 8.76
CA SER A 398 -28.74 7.58 7.52
C SER A 398 -27.87 7.27 6.32
N HIS A 399 -28.53 7.09 5.18
CA HIS A 399 -27.80 6.86 3.94
C HIS A 399 -26.77 7.96 3.68
N ASP A 400 -27.14 9.22 3.93
CA ASP A 400 -26.23 10.33 3.62
C ASP A 400 -25.01 10.35 4.55
N GLU A 401 -25.21 10.04 5.84
CA GLU A 401 -24.06 10.01 6.76
C GLU A 401 -23.09 8.92 6.35
N ILE A 402 -23.61 7.77 5.92
CA ILE A 402 -22.75 6.64 5.54
C ILE A 402 -22.00 6.96 4.27
N MET A 403 -22.68 7.57 3.29
CA MET A 403 -21.99 7.85 2.03
C MET A 403 -20.87 8.85 2.24
N LYS A 404 -21.02 9.78 3.19
CA LYS A 404 -19.95 10.72 3.46
C LYS A 404 -18.67 10.00 3.89
N VAL A 405 -18.80 9.00 4.77
CA VAL A 405 -17.64 8.21 5.19
C VAL A 405 -17.02 7.49 4.01
N ILE A 406 -17.85 6.88 3.16
CA ILE A 406 -17.33 6.13 2.02
C ILE A 406 -16.65 7.05 1.02
N TRP A 407 -17.28 8.19 0.72
CA TRP A 407 -16.67 9.13 -0.23
C TRP A 407 -15.34 9.67 0.28
N GLU A 408 -15.27 10.02 1.57
CA GLU A 408 -14.10 10.70 2.09
C GLU A 408 -12.96 9.77 2.51
N THR A 409 -13.26 8.51 2.83
CA THR A 409 -12.26 7.61 3.39
C THR A 409 -12.16 6.27 2.68
N GLY A 410 -13.05 5.94 1.75
CA GLY A 410 -13.11 4.58 1.23
C GLY A 410 -12.00 4.30 0.24
N ARG A 411 -11.38 3.12 0.38
CA ARG A 411 -10.29 2.73 -0.50
C ARG A 411 -10.73 2.43 -1.92
N ASP A 412 -12.03 2.28 -2.19
CA ASP A 412 -12.48 2.21 -3.58
C ASP A 412 -12.04 3.42 -4.39
N ASN A 413 -11.74 4.54 -3.72
CA ASN A 413 -11.23 5.73 -4.40
C ASN A 413 -9.97 5.44 -5.19
N SER A 414 -9.20 4.43 -4.78
CA SER A 414 -7.96 4.06 -5.44
C SER A 414 -8.10 2.86 -6.35
N ARG A 415 -9.32 2.35 -6.54
CA ARG A 415 -9.54 1.13 -7.29
C ARG A 415 -10.29 1.35 -8.60
N THR A 416 -10.51 2.60 -8.99
CA THR A 416 -11.17 2.84 -10.27
C THR A 416 -10.18 2.57 -11.41
N PRO A 417 -10.69 2.23 -12.61
CA PRO A 417 -9.80 1.83 -13.70
C PRO A 417 -8.68 2.84 -13.99
N MET A 418 -7.49 2.29 -14.27
CA MET A 418 -6.36 3.09 -14.71
C MET A 418 -6.75 3.86 -15.97
N GLN A 419 -6.31 5.11 -16.07
CA GLN A 419 -6.82 6.02 -17.09
C GLN A 419 -5.79 6.19 -18.21
N TRP A 420 -5.94 5.38 -19.25
CA TRP A 420 -4.91 5.27 -20.29
C TRP A 420 -5.06 6.33 -21.37
N ASN A 421 -6.31 6.66 -21.74
CA ASN A 421 -6.56 7.60 -22.83
C ASN A 421 -7.98 8.12 -22.67
N THR A 422 -8.49 8.80 -23.70
CA THR A 422 -9.84 9.35 -23.64
C THR A 422 -10.85 8.53 -24.46
N GLU A 423 -10.48 7.32 -24.87
CA GLU A 423 -11.45 6.40 -25.44
C GLU A 423 -12.41 5.91 -24.35
N LYS A 424 -13.37 5.08 -24.76
CA LYS A 424 -14.36 4.54 -23.85
C LYS A 424 -13.69 3.84 -22.67
N ASN A 425 -14.18 4.13 -21.47
CA ASN A 425 -13.62 3.57 -20.23
C ASN A 425 -12.16 3.94 -20.05
N ALA A 426 -11.76 5.08 -20.62
CA ALA A 426 -10.36 5.54 -20.61
C ALA A 426 -9.41 4.49 -21.18
N GLY A 427 -9.92 3.64 -22.07
CA GLY A 427 -9.08 2.64 -22.69
C GLY A 427 -8.72 1.49 -21.79
N PHE A 428 -9.31 1.42 -20.60
CA PHE A 428 -9.08 0.30 -19.71
C PHE A 428 -9.78 -0.95 -20.22
N SER A 429 -10.92 -0.80 -20.89
CA SER A 429 -11.72 -1.95 -21.31
C SER A 429 -12.60 -1.55 -22.48
N THR A 430 -12.88 -2.51 -23.36
CA THR A 430 -13.93 -2.35 -24.37
C THR A 430 -15.31 -2.70 -23.82
N GLY A 431 -15.39 -3.25 -22.62
CA GLY A 431 -16.66 -3.68 -22.08
C GLY A 431 -17.20 -2.80 -20.98
N ASN A 432 -17.80 -3.42 -19.95
CA ASN A 432 -18.38 -2.71 -18.82
C ASN A 432 -17.49 -2.90 -17.59
N PRO A 433 -16.70 -1.90 -17.21
CA PRO A 433 -15.73 -2.08 -16.12
C PRO A 433 -16.41 -2.56 -14.84
N TRP A 434 -15.70 -3.44 -14.13
CA TRP A 434 -16.18 -3.97 -12.86
C TRP A 434 -16.44 -2.85 -11.85
N MET A 435 -15.68 -1.77 -11.96
CA MET A 435 -15.85 -0.54 -11.22
C MET A 435 -15.76 0.61 -12.22
N LYS A 436 -16.69 1.56 -12.13
CA LYS A 436 -16.76 2.60 -13.15
C LYS A 436 -15.51 3.46 -13.15
N VAL A 437 -15.15 3.94 -14.34
CA VAL A 437 -14.02 4.85 -14.45
C VAL A 437 -14.41 6.19 -13.83
N ASN A 438 -13.42 6.86 -13.26
CA ASN A 438 -13.61 8.24 -12.81
C ASN A 438 -13.90 9.13 -14.01
N PRO A 439 -14.98 9.90 -14.00
CA PRO A 439 -15.29 10.75 -15.16
C PRO A 439 -14.19 11.71 -15.56
N ASN A 440 -13.24 12.02 -14.67
CA ASN A 440 -12.19 12.98 -15.02
C ASN A 440 -11.10 12.37 -15.90
N TYR A 441 -11.28 11.14 -16.40
CA TYR A 441 -10.34 10.57 -17.35
C TYR A 441 -10.25 11.41 -18.62
N VAL A 442 -11.29 12.18 -18.95
CA VAL A 442 -11.20 13.03 -20.14
C VAL A 442 -10.14 14.11 -19.97
N ASP A 443 -9.73 14.40 -18.75
CA ASP A 443 -8.69 15.36 -18.43
C ASP A 443 -7.39 14.74 -17.95
N ILE A 444 -7.46 13.55 -17.35
CA ILE A 444 -6.34 12.92 -16.65
C ILE A 444 -6.14 11.56 -17.31
N ASN A 445 -5.10 11.42 -18.14
CA ASN A 445 -4.87 10.14 -18.77
C ASN A 445 -3.45 10.06 -19.30
N VAL A 446 -2.96 8.83 -19.43
CA VAL A 446 -1.57 8.58 -19.80
C VAL A 446 -1.25 9.22 -21.14
N GLU A 447 -2.14 9.04 -22.12
CA GLU A 447 -1.84 9.48 -23.48
C GLU A 447 -1.63 11.00 -23.52
N GLU A 448 -2.46 11.76 -22.81
CA GLU A 448 -2.29 13.21 -22.79
C GLU A 448 -1.02 13.60 -22.05
N GLN A 449 -0.67 12.85 -21.00
CA GLN A 449 0.46 13.24 -20.17
C GLN A 449 1.78 12.87 -20.81
N LYS A 450 1.81 11.83 -21.64
CA LYS A 450 3.05 11.47 -22.31
C LYS A 450 3.57 12.61 -23.16
N SER A 451 2.68 13.27 -23.90
CA SER A 451 3.11 14.28 -24.85
C SER A 451 3.18 15.68 -24.26
N ASP A 452 2.83 15.84 -22.99
CA ASP A 452 2.89 17.13 -22.30
C ASP A 452 4.13 17.13 -21.40
N LYS A 453 5.11 17.97 -21.75
CA LYS A 453 6.33 18.07 -20.97
C LYS A 453 6.08 18.47 -19.53
N ASN A 454 4.98 19.16 -19.25
CA ASN A 454 4.64 19.65 -17.92
C ASN A 454 3.76 18.67 -17.14
N SER A 455 3.62 17.43 -17.60
CA SER A 455 2.65 16.54 -16.99
C SER A 455 3.16 15.97 -15.68
N VAL A 456 2.22 15.45 -14.87
CA VAL A 456 2.62 14.75 -13.65
C VAL A 456 3.46 13.53 -14.01
N LEU A 457 3.05 12.80 -15.05
CA LEU A 457 3.77 11.61 -15.48
C LEU A 457 5.24 11.92 -15.76
N ASN A 458 5.50 12.98 -16.51
CA ASN A 458 6.86 13.31 -16.88
C ASN A 458 7.66 13.87 -15.71
N PHE A 459 6.96 14.42 -14.72
CA PHE A 459 7.61 14.79 -13.46
C PHE A 459 8.10 13.55 -12.73
N TYR A 460 7.24 12.52 -12.61
CA TYR A 460 7.68 11.27 -12.01
C TYR A 460 8.82 10.65 -12.80
N LYS A 461 8.76 10.73 -14.13
CA LYS A 461 9.86 10.20 -14.93
C LYS A 461 11.17 10.86 -14.54
N GLN A 462 11.14 12.19 -14.36
CA GLN A 462 12.37 12.91 -14.03
C GLN A 462 12.80 12.63 -12.59
N LEU A 463 11.84 12.44 -11.67
CA LEU A 463 12.19 12.05 -10.31
C LEU A 463 12.95 10.74 -10.31
N ILE A 464 12.45 9.75 -11.05
CA ILE A 464 13.11 8.46 -11.11
C ILE A 464 14.50 8.60 -11.68
N LYS A 465 14.64 9.42 -12.72
CA LYS A 465 15.93 9.62 -13.37
C LYS A 465 16.93 10.27 -12.42
N ILE A 466 16.53 11.36 -11.73
CA ILE A 466 17.52 12.02 -10.88
C ILE A 466 17.91 11.13 -9.71
N ARG A 467 16.98 10.33 -9.19
CA ARG A 467 17.35 9.42 -8.10
C ARG A 467 18.36 8.38 -8.59
N LYS A 468 18.18 7.89 -9.82
CA LYS A 468 19.11 6.91 -10.36
C LYS A 468 20.50 7.51 -10.60
N GLN A 469 20.57 8.78 -11.02
CA GLN A 469 21.86 9.34 -11.42
C GLN A 469 22.63 10.03 -10.31
N HIS A 470 22.04 10.24 -9.13
CA HIS A 470 22.75 10.90 -8.04
C HIS A 470 22.69 10.04 -6.78
N ASP A 471 23.82 9.47 -6.41
CA ASP A 471 23.87 8.55 -5.27
C ASP A 471 23.36 9.17 -3.98
N VAL A 472 23.53 10.49 -3.82
CA VAL A 472 23.07 11.15 -2.60
C VAL A 472 21.57 10.97 -2.42
N LEU A 473 20.83 10.83 -3.52
CA LEU A 473 19.38 10.65 -3.42
C LEU A 473 18.99 9.23 -3.05
N VAL A 474 19.92 8.28 -3.14
CA VAL A 474 19.67 6.92 -2.63
C VAL A 474 20.23 6.73 -1.23
N TYR A 475 21.50 7.09 -1.02
CA TYR A 475 22.18 6.72 0.22
C TYR A 475 22.47 7.88 1.13
N GLY A 476 22.11 9.11 0.74
CA GLY A 476 22.42 10.26 1.58
C GLY A 476 21.61 10.31 2.86
N THR A 477 22.22 10.88 3.89
CA THR A 477 21.56 11.02 5.19
C THR A 477 20.48 12.10 5.12
N TYR A 478 19.32 11.80 5.71
CA TYR A 478 18.20 12.73 5.75
C TYR A 478 18.34 13.65 6.95
N LYS A 479 17.99 14.93 6.75
CA LYS A 479 17.92 15.88 7.86
C LYS A 479 16.80 16.86 7.59
N LEU A 480 15.91 17.03 8.57
CA LEU A 480 14.80 17.97 8.45
C LEU A 480 15.29 19.39 8.64
N LEU A 481 14.87 20.28 7.75
CA LEU A 481 15.11 21.70 7.87
C LEU A 481 13.83 22.42 8.28
N ALA A 482 13.99 23.61 8.84
CA ALA A 482 12.88 24.55 9.06
C ALA A 482 11.68 23.86 9.70
N GLU A 483 11.97 23.15 10.81
CA GLU A 483 10.97 22.27 11.40
C GLU A 483 9.68 22.99 11.76
N GLU A 484 9.80 24.21 12.27
CA GLU A 484 8.65 24.94 12.79
C GLU A 484 7.81 25.62 11.70
N ASP A 485 8.24 25.56 10.43
CA ASP A 485 7.51 26.25 9.36
C ASP A 485 6.24 25.48 9.02
N SER A 486 5.08 26.10 9.21
CA SER A 486 3.83 25.38 9.04
C SER A 486 3.43 25.21 7.57
N ALA A 487 4.14 25.84 6.64
CA ALA A 487 3.85 25.71 5.21
C ALA A 487 4.92 24.99 4.42
N ILE A 488 6.18 25.10 4.79
CA ILE A 488 7.28 24.56 3.99
C ILE A 488 7.79 23.28 4.65
N TYR A 489 7.78 22.19 3.88
CA TYR A 489 8.48 20.96 4.24
C TYR A 489 9.78 20.95 3.44
N ALA A 490 10.89 21.13 4.13
CA ALA A 490 12.20 21.12 3.51
C ALA A 490 13.11 20.17 4.24
N TYR A 491 14.00 19.52 3.49
CA TYR A 491 14.95 18.59 4.10
C TYR A 491 16.15 18.43 3.18
N THR A 492 17.23 17.90 3.73
CA THR A 492 18.42 17.64 2.95
C THR A 492 18.75 16.17 2.92
N ARG A 493 19.50 15.79 1.89
CA ARG A 493 20.14 14.48 1.75
C ARG A 493 21.62 14.73 1.55
N THR A 494 22.47 14.08 2.36
CA THR A 494 23.90 14.39 2.34
C THR A 494 24.73 13.12 2.19
N LEU A 495 25.68 13.15 1.26
CA LEU A 495 26.56 12.01 1.01
C LEU A 495 27.90 12.57 0.53
N GLU A 496 28.93 12.43 1.36
CA GLU A 496 30.25 13.00 1.10
C GLU A 496 30.14 14.49 0.76
N GLY A 497 30.54 14.85 -0.44
CA GLY A 497 30.60 16.24 -0.86
C GLY A 497 29.35 16.77 -1.54
N LYS A 498 28.26 16.03 -1.54
CA LYS A 498 27.03 16.42 -2.21
C LYS A 498 25.92 16.58 -1.20
N THR A 499 25.13 17.64 -1.35
CA THR A 499 23.94 17.85 -0.52
C THR A 499 22.78 18.17 -1.44
N ALA A 500 21.73 17.37 -1.38
CA ALA A 500 20.49 17.67 -2.08
C ALA A 500 19.56 18.38 -1.12
N VAL A 501 18.92 19.45 -1.59
CA VAL A 501 17.95 20.22 -0.80
C VAL A 501 16.60 20.05 -1.48
N VAL A 502 15.64 19.49 -0.76
CA VAL A 502 14.29 19.28 -1.26
C VAL A 502 13.40 20.30 -0.56
N ILE A 503 12.74 21.15 -1.34
CA ILE A 503 11.90 22.22 -0.81
C ILE A 503 10.50 22.04 -1.36
N CYS A 504 9.53 21.91 -0.46
CA CYS A 504 8.12 21.73 -0.86
C CYS A 504 7.25 22.72 -0.12
N ASN A 505 6.56 23.58 -0.87
CA ASN A 505 5.61 24.49 -0.25
C ASN A 505 4.29 23.75 -0.14
N MET A 506 4.08 23.06 0.99
CA MET A 506 2.84 22.30 1.15
C MET A 506 1.75 23.18 1.73
N SER A 507 1.33 24.12 0.91
CA SER A 507 0.25 25.03 1.26
C SER A 507 -0.33 25.57 -0.03
N PRO A 508 -1.60 26.02 -0.01
CA PRO A 508 -2.23 26.55 -1.21
C PRO A 508 -2.01 28.04 -1.37
N ASN A 509 -0.96 28.55 -0.76
CA ASN A 509 -0.63 29.96 -0.82
C ASN A 509 0.78 30.17 -1.34
N ASN A 510 1.02 31.38 -1.86
CA ASN A 510 2.39 31.85 -2.04
C ASN A 510 3.08 31.89 -0.68
N GLN A 511 4.36 31.55 -0.64
CA GLN A 511 5.15 31.60 0.58
C GLN A 511 6.56 32.04 0.22
N THR A 512 7.25 32.60 1.21
CA THR A 512 8.64 32.99 1.08
C THR A 512 9.48 32.10 1.99
N PHE A 513 10.62 31.63 1.48
CA PHE A 513 11.44 30.71 2.25
C PHE A 513 12.91 31.06 2.05
N GLU A 514 13.67 31.08 3.14
CA GLU A 514 15.09 31.41 3.06
C GLU A 514 15.89 30.16 2.77
N PHE A 515 16.66 30.18 1.69
CA PHE A 515 17.50 29.05 1.35
C PHE A 515 18.47 28.74 2.49
N PRO A 516 18.61 27.48 2.90
CA PRO A 516 19.53 27.16 4.00
C PRO A 516 20.98 27.51 3.64
N SER A 517 21.60 28.31 4.50
CA SER A 517 22.98 28.74 4.28
C SER A 517 23.81 28.59 5.55
N PHE A 521 28.81 26.35 -0.54
CA PHE A 521 28.90 25.42 -1.66
C PHE A 521 29.65 26.03 -2.83
N THR A 522 30.35 25.19 -3.59
CA THR A 522 31.09 25.65 -4.76
C THR A 522 30.25 25.60 -6.03
N ASN A 523 29.12 24.91 -6.01
CA ASN A 523 28.30 24.74 -7.20
C ASN A 523 26.88 24.40 -6.80
N ILE A 524 25.92 24.87 -7.58
CA ILE A 524 24.50 24.64 -7.32
C ILE A 524 23.81 24.35 -8.65
N GLU A 525 22.90 23.38 -8.61
CA GLU A 525 22.20 22.91 -9.79
C GLU A 525 20.75 22.63 -9.39
N VAL A 526 19.80 23.03 -10.24
CA VAL A 526 18.39 22.66 -10.02
C VAL A 526 18.13 21.33 -10.72
N LEU A 527 17.74 20.32 -9.95
CA LEU A 527 17.50 18.99 -10.49
C LEU A 527 16.08 18.81 -11.00
N ILE A 528 15.10 19.46 -10.38
CA ILE A 528 13.72 19.36 -10.81
C ILE A 528 12.95 20.52 -10.18
N HIS A 529 11.86 20.91 -10.84
CA HIS A 529 11.03 22.02 -10.38
C HIS A 529 9.68 21.91 -11.08
N ASN A 530 8.60 22.23 -10.37
CA ASN A 530 7.28 22.12 -10.98
C ASN A 530 6.68 23.46 -11.38
N TYR A 531 7.41 24.56 -11.21
CA TYR A 531 6.98 25.84 -11.74
C TYR A 531 8.10 26.45 -12.58
N PRO A 532 7.75 27.26 -13.58
CA PRO A 532 8.80 28.01 -14.30
C PRO A 532 9.65 28.82 -13.33
N LEU A 533 10.95 28.86 -13.59
CA LEU A 533 11.86 29.58 -12.72
C LEU A 533 11.87 31.07 -13.08
N ASP A 534 11.93 31.91 -12.05
CA ASP A 534 11.91 33.36 -12.22
C ASP A 534 13.35 33.88 -12.27
N LYS A 535 13.73 34.46 -13.41
CA LYS A 535 15.11 34.87 -13.63
C LYS A 535 15.57 35.89 -12.58
N ASN A 536 14.68 36.81 -12.19
CA ASN A 536 15.01 37.83 -11.19
C ASN A 536 15.05 37.31 -9.77
N GLU A 537 14.60 36.07 -9.53
CA GLU A 537 14.49 35.58 -8.16
C GLU A 537 15.88 35.32 -7.58
N THR A 538 16.10 35.74 -6.34
CA THR A 538 17.35 35.44 -5.65
C THR A 538 17.23 34.08 -4.97
N LEU A 539 18.31 33.30 -5.04
CA LEU A 539 18.35 32.03 -4.34
C LEU A 539 18.08 32.20 -2.86
N GLU A 540 18.56 33.30 -2.27
CA GLU A 540 18.50 33.46 -0.82
C GLU A 540 17.06 33.60 -0.33
N GLN A 541 16.21 34.30 -1.09
CA GLN A 541 14.82 34.54 -0.71
C GLN A 541 13.93 33.88 -1.77
N CYS A 542 13.54 32.63 -1.51
CA CYS A 542 12.71 31.88 -2.45
C CYS A 542 11.26 32.35 -2.33
N THR A 543 10.67 32.75 -3.45
CA THR A 543 9.27 33.13 -3.50
C THR A 543 8.52 31.99 -4.15
N LEU A 544 7.91 31.14 -3.34
CA LEU A 544 7.33 29.89 -3.81
C LEU A 544 5.85 30.07 -4.10
N HIS A 545 5.39 29.49 -5.20
CA HIS A 545 3.98 29.46 -5.53
C HIS A 545 3.30 28.32 -4.80
N PRO A 546 1.96 28.26 -4.81
CA PRO A 546 1.26 27.16 -4.12
C PRO A 546 1.74 25.79 -4.59
N TYR A 547 2.09 24.95 -3.63
CA TYR A 547 2.56 23.59 -3.90
C TYR A 547 3.74 23.58 -4.86
N GLU A 548 4.53 24.67 -4.86
CA GLU A 548 5.78 24.67 -5.60
C GLU A 548 6.81 23.80 -4.88
N THR A 549 7.53 22.99 -5.66
CA THR A 549 8.66 22.23 -5.15
C THR A 549 9.88 22.48 -6.04
N ARG A 550 11.05 22.47 -5.41
CA ARG A 550 12.32 22.54 -6.12
C ARG A 550 13.29 21.58 -5.44
N VAL A 551 14.16 20.97 -6.24
CA VAL A 551 15.24 20.16 -5.69
C VAL A 551 16.55 20.72 -6.21
N TYR A 552 17.43 21.11 -5.29
CA TYR A 552 18.75 21.64 -5.61
C TYR A 552 19.81 20.60 -5.28
N LEU A 553 20.92 20.64 -6.03
CA LEU A 553 22.08 19.80 -5.76
C LEU A 553 23.28 20.70 -5.50
N LEU A 554 23.85 20.61 -4.30
CA LEU A 554 24.99 21.41 -3.91
C LEU A 554 26.25 20.56 -3.89
N SER A 555 27.36 21.13 -4.36
CA SER A 555 28.66 20.46 -4.26
C SER A 555 29.51 21.15 -3.19
C1 GLC B . -5.14 1.93 10.07
C2 GLC B . -4.48 0.90 10.99
C3 GLC B . -4.18 -0.36 10.21
C4 GLC B . -5.38 -0.87 9.42
C5 GLC B . -6.38 0.18 8.91
C6 GLC B . -7.79 -0.39 9.07
O1 GLC B . -4.35 2.14 8.90
O2 GLC B . -3.25 1.43 11.52
O3 GLC B . -3.74 -1.40 11.11
O4 GLC B . -4.92 -1.77 8.38
O5 GLC B . -6.41 1.39 9.69
O6 GLC B . -8.34 -0.85 7.83
C1 GLC B . -5.51 -3.04 8.65
C2 GLC B . -4.50 -4.18 8.59
C3 GLC B . -3.99 -4.36 7.16
C4 GLC B . -5.18 -4.54 6.20
C5 GLC B . -6.09 -3.33 6.37
C6 GLC B . -7.28 -3.42 5.44
O2 GLC B . -3.41 -3.91 9.49
O3 GLC B . -3.13 -5.49 7.14
O4 GLC B . -4.85 -4.53 4.82
O5 GLC B . -6.56 -3.26 7.71
O6 GLC B . -8.24 -2.44 5.87
C1 GLC B . -4.43 -5.75 4.19
C2 GLC B . -4.52 -5.57 2.67
C3 GLC B . -5.97 -5.27 2.30
C4 GLC B . -6.79 -6.52 2.65
C5 GLC B . -6.56 -6.99 4.09
C6 GLC B . -6.97 -8.45 4.22
O2 GLC B . -3.59 -4.58 2.21
O3 GLC B . -6.13 -4.94 0.90
O4 GLC B . -8.17 -6.20 2.47
O5 GLC B . -5.20 -6.91 4.54
O6 GLC B . -6.10 -9.27 3.42
CA CA C . -10.44 -9.16 -18.62
CA CA D . 8.86 33.17 -7.39
#